data_6QAC
#
_entry.id   6QAC
#
_cell.length_a   154.113
_cell.length_b   154.113
_cell.length_c   127.619
_cell.angle_alpha   90.00
_cell.angle_beta   90.00
_cell.angle_gamma   90.00
#
_symmetry.space_group_name_H-M   'I 4 2 2'
#
loop_
_entity.id
_entity.type
_entity.pdbx_description
1 polymer Cholinesterase
2 branched alpha-L-fucopyranose-(1-6)-2-acetamido-2-deoxy-beta-D-glucopyranose
3 branched 2-acetamido-2-deoxy-beta-D-glucopyranose-(1-4)-[alpha-L-fucopyranose-(1-6)]2-acetamido-2-deoxy-beta-D-glucopyranose
4 branched 2-acetamido-2-deoxy-beta-D-glucopyranose-(1-4)-2-acetamido-2-deoxy-beta-D-glucopyranose
5 non-polymer 2-acetamido-2-deoxy-beta-D-glucopyranose
6 non-polymer (2~{S})-2-(butylamino)-~{N}-(3-cycloheptylpropyl)-3-(1~{H}-indol-3-yl)propanamide
7 non-polymer 'DIMETHYL SULFOXIDE'
8 non-polymer 'SULFATE ION'
9 water water
#
_entity_poly.entity_id   1
_entity_poly.type   'polypeptide(L)'
_entity_poly.pdbx_seq_one_letter_code
;MDSKVTIICIRFLFWFLLLCMLIGKSHTEDDIIIATKNGKVRGMQLTVFGGTVTAFLGIPYAQPPLGRLRFKKPQSLTKW
SDIWNATKYANSCCQNIDQSFPGFHGSEMWNPNTDLSEDCLYLNVWIPAPKPKNATVLIWIYGGGFQTGTSSLHVYDGKF
LARVERVIVVSMNYRVGALGFLALPGNPEAPGNMGLFDQQLALQWVQKNIAAFGGNPKSVTLFGESAGAASVSLHLLSPG
SHSLFTRAILQSGSFNAPWAVTSLYEARNRTLNLAKLTGCSRENETEIIKCLRNKDPQEILLNEAFVVPYGTPLSVNFGP
TVDGDFLTDMPDILLELGQFKKTQILVGVNKDEGTAFLVYGAPGFSKDNNSIITRKEFQEGLKIFFPGVSEFGKESILFH
YTDWVDDQRPENYREALGDVVGDYNFICPALEFTKKFSEWGNNAFFYYFEHRSSKLPWPEWMGVMHGYEIEFVFGLPLER
RDQYTKAEEILSRSIVKRWANFAKYGNPQETQNQSTSWPVFKSTEQKYLTLNTESTRIMTKLRAQQCRFWTSFFPKV
;
_entity_poly.pdbx_strand_id   A
#
loop_
_chem_comp.id
_chem_comp.type
_chem_comp.name
_chem_comp.formula
DMS non-polymer 'DIMETHYL SULFOXIDE' 'C2 H6 O S'
FUC L-saccharide, alpha linking alpha-L-fucopyranose 'C6 H12 O5'
HUT non-polymer (2~{S})-2-(butylamino)-~{N}-(3-cycloheptylpropyl)-3-(1~{H}-indol-3-yl)propanamide 'C25 H39 N3 O'
NAG D-saccharide, beta linking 2-acetamido-2-deoxy-beta-D-glucopyranose 'C8 H15 N O6'
SO4 non-polymer 'SULFATE ION' 'O4 S -2'
#
# COMPACT_ATOMS: atom_id res chain seq x y z
N ILE A 32 9.07 -24.57 18.94
CA ILE A 32 9.73 -23.49 18.22
C ILE A 32 10.22 -24.00 16.85
N ILE A 33 9.84 -25.22 16.50
CA ILE A 33 10.04 -25.77 15.17
C ILE A 33 8.67 -26.15 14.60
N ILE A 34 8.45 -25.82 13.33
CA ILE A 34 7.15 -26.01 12.69
C ILE A 34 7.38 -26.77 11.41
N ALA A 35 6.61 -27.82 11.19
CA ALA A 35 6.74 -28.64 9.99
C ALA A 35 5.74 -28.13 8.96
N THR A 36 6.25 -27.56 7.87
CA THR A 36 5.41 -27.04 6.80
C THR A 36 5.43 -28.01 5.63
N LYS A 37 4.64 -27.67 4.60
CA LYS A 37 4.50 -28.58 3.45
C LYS A 37 5.83 -28.82 2.77
N ASN A 38 6.74 -27.85 2.81
CA ASN A 38 8.00 -27.95 2.10
C ASN A 38 9.20 -28.22 3.00
N GLY A 39 9.03 -28.18 4.31
CA GLY A 39 10.13 -28.48 5.19
C GLY A 39 9.86 -27.96 6.59
N LYS A 40 10.88 -28.10 7.44
CA LYS A 40 10.83 -27.63 8.81
C LYS A 40 11.46 -26.24 8.90
N VAL A 41 10.81 -25.36 9.67
CA VAL A 41 11.30 -24.01 9.90
C VAL A 41 11.41 -23.75 11.40
N ARG A 42 12.51 -23.14 11.80
CA ARG A 42 12.76 -22.78 13.18
C ARG A 42 12.60 -21.28 13.33
N GLY A 43 11.95 -20.85 14.39
CA GLY A 43 11.80 -19.45 14.69
C GLY A 43 12.50 -19.07 15.98
N MET A 44 12.23 -17.86 16.42
CA MET A 44 12.76 -17.35 17.67
C MET A 44 11.61 -16.82 18.52
N GLN A 45 11.84 -16.72 19.82
CA GLN A 45 10.86 -16.17 20.75
C GLN A 45 11.25 -14.75 21.10
N LEU A 46 10.26 -13.87 21.26
CA LEU A 46 10.47 -12.46 21.52
C LEU A 46 9.78 -12.10 22.82
N THR A 47 10.33 -11.14 23.56
CA THR A 47 9.67 -10.64 24.76
C THR A 47 8.92 -9.37 24.38
N VAL A 48 7.60 -9.41 24.49
CA VAL A 48 6.75 -8.26 24.19
C VAL A 48 5.82 -8.06 25.37
N PHE A 49 5.84 -6.85 25.95
CA PHE A 49 4.86 -6.47 26.97
C PHE A 49 4.71 -7.57 28.03
N GLY A 50 5.81 -7.89 28.71
CA GLY A 50 5.83 -8.99 29.66
C GLY A 50 5.17 -10.28 29.21
N GLY A 51 5.28 -10.59 27.92
CA GLY A 51 4.74 -11.81 27.36
C GLY A 51 5.73 -12.38 26.36
N THR A 52 5.27 -13.19 25.41
CA THR A 52 6.19 -13.77 24.45
C THR A 52 5.47 -14.04 23.11
N VAL A 53 6.10 -13.64 22.00
CA VAL A 53 5.58 -13.81 20.64
C VAL A 53 6.61 -14.61 19.84
N THR A 54 6.16 -15.58 19.07
CA THR A 54 7.05 -16.40 18.26
C THR A 54 7.14 -15.81 16.85
N ALA A 55 8.35 -15.52 16.39
CA ALA A 55 8.59 -14.90 15.09
C ALA A 55 9.33 -15.88 14.19
N PHE A 56 8.88 -15.99 12.95
CA PHE A 56 9.54 -16.79 11.92
C PHE A 56 9.82 -15.79 10.81
N LEU A 57 11.04 -15.27 10.75
CA LEU A 57 11.39 -14.21 9.85
C LEU A 57 12.09 -14.77 8.62
N GLY A 58 11.56 -14.46 7.44
CA GLY A 58 12.21 -14.84 6.20
C GLY A 58 12.08 -16.30 5.82
N ILE A 59 10.86 -16.82 5.78
CA ILE A 59 10.58 -18.13 5.17
C ILE A 59 10.44 -17.94 3.66
N PRO A 60 11.12 -18.73 2.83
CA PRO A 60 10.92 -18.60 1.38
C PRO A 60 9.57 -19.14 1.01
N TYR A 61 8.94 -18.51 0.02
CA TYR A 61 7.68 -19.02 -0.50
C TYR A 61 7.70 -19.29 -1.99
N ALA A 62 8.84 -19.14 -2.66
CA ALA A 62 8.91 -19.38 -4.10
C ALA A 62 10.36 -19.64 -4.51
N GLN A 63 10.52 -20.27 -5.66
CA GLN A 63 11.85 -20.33 -6.25
C GLN A 63 12.37 -18.92 -6.47
N PRO A 64 13.58 -18.61 -6.05
CA PRO A 64 14.15 -17.28 -6.32
C PRO A 64 14.12 -16.99 -7.81
N PRO A 65 13.58 -15.84 -8.23
CA PRO A 65 13.43 -15.54 -9.67
C PRO A 65 14.71 -14.99 -10.31
N LEU A 66 15.77 -15.80 -10.31
CA LEU A 66 17.03 -15.44 -10.92
C LEU A 66 17.16 -16.01 -12.34
N GLY A 67 18.06 -15.40 -13.09
CA GLY A 67 18.49 -15.98 -14.35
C GLY A 67 17.33 -16.05 -15.32
N ARG A 68 17.03 -17.28 -15.74
CA ARG A 68 15.97 -17.54 -16.72
C ARG A 68 14.61 -17.12 -16.18
N LEU A 69 14.46 -17.07 -14.84
CA LEU A 69 13.21 -16.78 -14.18
C LEU A 69 12.95 -15.30 -13.93
N ARG A 70 13.96 -14.45 -13.97
CA ARG A 70 13.68 -13.02 -13.89
C ARG A 70 12.54 -12.65 -14.83
N PHE A 71 11.63 -11.79 -14.37
CA PHE A 71 10.49 -11.24 -15.08
C PHE A 71 9.33 -12.21 -15.21
N LYS A 72 9.49 -13.47 -14.87
CA LYS A 72 8.43 -14.44 -15.06
C LYS A 72 7.69 -14.66 -13.76
N LYS A 73 6.49 -15.27 -13.87
CA LYS A 73 5.64 -15.59 -12.72
C LYS A 73 6.46 -16.35 -11.67
N PRO A 74 6.10 -16.25 -10.39
CA PRO A 74 6.82 -17.03 -9.38
C PRO A 74 6.52 -18.51 -9.54
N GLN A 75 7.54 -19.33 -9.35
CA GLN A 75 7.45 -20.78 -9.52
C GLN A 75 7.45 -21.43 -8.15
N SER A 76 6.66 -22.50 -8.01
CA SER A 76 6.42 -23.10 -6.70
C SER A 76 7.73 -23.61 -6.10
N LEU A 77 7.79 -23.55 -4.77
CA LEU A 77 8.98 -23.95 -4.04
C LEU A 77 8.92 -25.44 -3.79
N THR A 78 10.03 -26.12 -4.07
CA THR A 78 10.10 -27.55 -3.82
C THR A 78 10.92 -27.83 -2.55
N LYS A 79 10.55 -28.94 -1.91
CA LYS A 79 10.98 -29.48 -0.62
C LYS A 79 12.37 -29.07 -0.17
N TRP A 80 12.63 -29.03 1.15
CA TRP A 80 14.02 -28.93 1.58
C TRP A 80 14.35 -29.86 2.73
N SER A 81 15.65 -29.81 3.01
CA SER A 81 16.38 -30.91 3.63
C SER A 81 16.11 -30.90 5.12
N ASP A 82 16.37 -29.76 5.72
CA ASP A 82 16.91 -29.62 7.04
C ASP A 82 15.89 -28.88 7.86
N ILE A 83 16.37 -28.01 8.73
CA ILE A 83 15.52 -27.03 9.39
C ILE A 83 15.93 -25.65 8.89
N TRP A 84 15.06 -25.04 8.08
CA TRP A 84 15.28 -23.65 7.69
C TRP A 84 15.29 -22.75 8.91
N ASN A 85 16.27 -21.87 8.99
CA ASN A 85 16.48 -21.03 10.16
C ASN A 85 15.86 -19.65 9.88
N ALA A 86 14.62 -19.47 10.34
CA ALA A 86 13.80 -18.31 10.02
C ALA A 86 13.89 -17.26 11.12
N THR A 87 15.11 -16.73 11.31
CA THR A 87 15.45 -15.93 12.47
C THR A 87 15.96 -14.53 12.15
N LYS A 88 16.01 -14.15 10.88
CA LYS A 88 16.29 -12.77 10.53
C LYS A 88 15.52 -12.46 9.26
N TYR A 89 15.06 -11.22 9.16
CA TYR A 89 14.46 -10.74 7.93
C TYR A 89 15.32 -11.07 6.72
N ALA A 90 14.68 -11.43 5.62
CA ALA A 90 15.41 -11.80 4.43
C ALA A 90 15.68 -10.57 3.58
N ASN A 91 16.25 -10.80 2.39
CA ASN A 91 16.64 -9.72 1.51
C ASN A 91 15.43 -8.97 0.95
N SER A 92 15.54 -7.66 0.86
CA SER A 92 14.52 -6.90 0.18
C SER A 92 14.70 -7.05 -1.32
N CYS A 93 13.64 -6.80 -2.07
CA CYS A 93 13.73 -6.82 -3.52
C CYS A 93 14.40 -5.56 -4.07
N CYS A 94 14.97 -5.72 -5.25
CA CYS A 94 15.77 -4.66 -5.86
C CYS A 94 14.90 -3.43 -6.07
N GLN A 95 15.47 -2.26 -5.81
CA GLN A 95 14.68 -1.05 -5.87
C GLN A 95 15.59 0.17 -5.73
N ASN A 96 15.10 1.29 -6.26
CA ASN A 96 15.78 2.56 -6.13
C ASN A 96 15.44 3.18 -4.79
N ILE A 97 16.44 3.73 -4.16
CA ILE A 97 16.32 4.30 -2.82
C ILE A 97 15.94 5.77 -2.93
N ASP A 98 15.16 6.26 -1.99
CA ASP A 98 14.88 7.68 -1.87
C ASP A 98 16.10 8.33 -1.22
N GLN A 99 16.88 9.09 -2.00
CA GLN A 99 18.02 9.85 -1.46
C GLN A 99 17.80 11.35 -1.57
N SER A 100 16.55 11.78 -1.60
CA SER A 100 16.27 13.21 -1.59
C SER A 100 16.56 13.86 -0.24
N PHE A 101 16.64 13.10 0.85
CA PHE A 101 16.96 13.68 2.16
C PHE A 101 17.86 12.75 2.94
N PRO A 102 19.14 12.70 2.59
CA PRO A 102 20.06 11.80 3.31
C PRO A 102 20.13 12.14 4.79
N GLY A 103 20.02 11.11 5.62
CA GLY A 103 20.08 11.25 7.05
C GLY A 103 18.80 11.69 7.71
N PHE A 104 17.76 12.00 6.94
CA PHE A 104 16.47 12.39 7.48
C PHE A 104 15.60 11.15 7.73
N HIS A 105 15.17 10.96 8.97
CA HIS A 105 14.43 9.75 9.31
C HIS A 105 13.07 9.72 8.62
N GLY A 106 12.46 10.88 8.41
CA GLY A 106 11.12 10.94 7.83
C GLY A 106 11.01 10.29 6.47
N SER A 107 12.13 10.13 5.78
CA SER A 107 12.14 9.50 4.47
C SER A 107 12.94 8.23 4.44
N GLU A 108 13.97 8.10 5.26
CA GLU A 108 14.76 6.88 5.24
C GLU A 108 14.09 5.75 6.00
N MET A 109 13.22 6.07 6.96
CA MET A 109 12.32 5.08 7.53
C MET A 109 11.60 4.25 6.47
N TRP A 110 11.44 4.77 5.25
CA TRP A 110 10.85 4.00 4.15
C TRP A 110 11.88 3.29 3.26
N ASN A 111 13.18 3.59 3.41
CA ASN A 111 14.16 2.88 2.62
C ASN A 111 14.41 1.47 3.18
N PRO A 112 14.85 0.54 2.34
CA PRO A 112 15.04 -0.84 2.80
C PRO A 112 16.03 -0.94 3.94
N ASN A 113 15.70 -1.78 4.91
CA ASN A 113 16.54 -1.99 6.08
C ASN A 113 17.12 -3.40 6.06
N THR A 114 17.46 -3.84 4.86
CA THR A 114 17.95 -5.17 4.61
C THR A 114 18.53 -5.19 3.18
N ASP A 115 19.47 -6.08 2.95
CA ASP A 115 20.17 -6.18 1.66
C ASP A 115 19.20 -6.31 0.50
N LEU A 116 19.43 -5.52 -0.56
CA LEU A 116 18.61 -5.73 -1.75
C LEU A 116 19.14 -6.97 -2.49
N SER A 117 18.21 -7.72 -3.08
CA SER A 117 18.61 -8.81 -3.93
C SER A 117 17.42 -9.19 -4.77
N GLU A 118 17.68 -9.67 -5.99
CA GLU A 118 16.59 -10.31 -6.73
C GLU A 118 16.05 -11.54 -6.00
N ASP A 119 16.89 -12.20 -5.21
CA ASP A 119 16.44 -13.33 -4.43
C ASP A 119 15.82 -12.72 -3.19
N CYS A 120 14.51 -12.44 -3.27
CA CYS A 120 13.84 -11.70 -2.21
C CYS A 120 12.44 -12.22 -1.88
N LEU A 121 12.01 -13.37 -2.43
CA LEU A 121 10.63 -13.82 -2.28
C LEU A 121 10.53 -14.63 -0.98
N TYR A 122 10.23 -13.91 0.09
CA TYR A 122 10.22 -14.46 1.44
C TYR A 122 9.03 -13.86 2.18
N LEU A 123 8.64 -14.50 3.27
CA LEU A 123 7.58 -13.96 4.11
C LEU A 123 7.88 -14.20 5.59
N ASN A 124 7.14 -13.48 6.44
CA ASN A 124 7.30 -13.55 7.88
C ASN A 124 5.99 -13.97 8.53
N VAL A 125 6.11 -14.63 9.68
CA VAL A 125 4.95 -15.03 10.48
C VAL A 125 5.20 -14.67 11.94
N TRP A 126 4.22 -14.04 12.58
CA TRP A 126 4.27 -13.77 14.01
C TRP A 126 3.08 -14.45 14.64
N ILE A 127 3.33 -15.52 15.39
CA ILE A 127 2.22 -16.20 16.07
C ILE A 127 2.26 -15.89 17.57
N PRO A 128 1.10 -15.80 18.22
CA PRO A 128 1.09 -15.60 19.68
C PRO A 128 1.62 -16.83 20.39
N ALA A 129 2.21 -16.60 21.56
CA ALA A 129 2.60 -17.68 22.45
C ALA A 129 1.81 -17.59 23.75
N PRO A 130 1.19 -18.69 24.19
CA PRO A 130 1.31 -20.01 23.60
C PRO A 130 0.59 -20.13 22.28
N LYS A 131 1.11 -21.02 21.43
CA LYS A 131 0.57 -21.19 20.10
C LYS A 131 -0.94 -21.19 20.16
N PRO A 132 -1.62 -20.41 19.33
CA PRO A 132 -3.09 -20.44 19.37
C PRO A 132 -3.64 -21.71 18.75
N LYS A 133 -4.95 -21.81 18.70
CA LYS A 133 -5.59 -22.98 18.11
C LYS A 133 -6.25 -22.70 16.77
N ASN A 134 -6.95 -21.59 16.60
CA ASN A 134 -7.64 -21.30 15.33
C ASN A 134 -7.66 -19.80 15.07
N ALA A 135 -6.48 -19.18 15.09
CA ALA A 135 -6.34 -17.72 15.14
C ALA A 135 -6.62 -17.07 13.80
N THR A 136 -7.26 -15.90 13.87
CA THR A 136 -7.44 -15.11 12.66
C THR A 136 -6.09 -14.63 12.19
N VAL A 137 -5.88 -14.73 10.87
CA VAL A 137 -4.64 -14.34 10.22
C VAL A 137 -4.81 -12.95 9.62
N LEU A 138 -3.85 -12.08 9.85
N LEU A 138 -3.84 -12.09 9.85
CA LEU A 138 -3.79 -10.78 9.21
CA LEU A 138 -3.78 -10.78 9.21
C LEU A 138 -2.58 -10.74 8.29
C LEU A 138 -2.57 -10.75 8.28
N ILE A 139 -2.79 -10.41 7.01
CA ILE A 139 -1.74 -10.43 6.00
C ILE A 139 -1.47 -9.03 5.48
N TRP A 140 -0.25 -8.56 5.71
CA TRP A 140 0.19 -7.22 5.35
C TRP A 140 0.82 -7.18 3.96
N ILE A 141 0.38 -6.21 3.15
CA ILE A 141 1.00 -5.93 1.85
C ILE A 141 1.44 -4.47 1.88
N TYR A 142 2.75 -4.23 1.80
CA TYR A 142 3.29 -2.86 1.92
C TYR A 142 3.10 -2.05 0.63
N GLY A 143 3.13 -0.74 0.79
CA GLY A 143 3.03 0.18 -0.32
C GLY A 143 4.38 0.69 -0.74
N GLY A 144 4.37 1.76 -1.51
CA GLY A 144 5.64 2.23 -2.03
C GLY A 144 5.56 2.53 -3.51
N GLY A 145 4.37 2.88 -3.97
CA GLY A 145 4.18 3.19 -5.38
C GLY A 145 4.46 2.05 -6.33
N PHE A 146 4.52 0.81 -5.82
CA PHE A 146 4.91 -0.38 -6.58
C PHE A 146 6.34 -0.33 -7.07
N GLN A 147 7.14 0.61 -6.56
CA GLN A 147 8.55 0.68 -6.92
C GLN A 147 9.45 0.47 -5.73
N THR A 148 8.94 0.66 -4.53
CA THR A 148 9.72 0.60 -3.30
C THR A 148 8.93 -0.25 -2.32
N GLY A 149 9.57 -0.66 -1.22
CA GLY A 149 8.89 -1.37 -0.15
C GLY A 149 9.55 -2.66 0.29
N THR A 150 9.49 -2.95 1.58
CA THR A 150 9.99 -4.22 2.10
C THR A 150 9.21 -4.51 3.36
N SER A 151 8.96 -5.79 3.59
CA SER A 151 8.19 -6.22 4.75
C SER A 151 8.95 -6.06 6.05
N SER A 152 10.25 -5.77 5.99
CA SER A 152 11.08 -5.71 7.20
C SER A 152 11.10 -4.35 7.88
N LEU A 153 10.37 -3.35 7.36
CA LEU A 153 10.41 -2.01 7.95
C LEU A 153 9.94 -2.02 9.40
N HIS A 154 10.52 -1.13 10.20
CA HIS A 154 10.23 -1.07 11.62
C HIS A 154 8.72 -0.91 11.86
N VAL A 155 8.03 -0.14 11.01
CA VAL A 155 6.64 0.18 11.29
C VAL A 155 5.70 -0.88 10.72
N TYR A 156 6.25 -2.02 10.29
CA TYR A 156 5.44 -3.16 9.88
C TYR A 156 5.68 -4.36 10.76
N ASP A 157 6.36 -4.19 11.90
CA ASP A 157 6.60 -5.27 12.85
C ASP A 157 5.29 -5.78 13.42
N GLY A 158 5.02 -7.07 13.21
CA GLY A 158 3.77 -7.63 13.63
C GLY A 158 3.73 -8.20 15.03
N LYS A 159 4.82 -8.13 15.79
CA LYS A 159 4.81 -8.73 17.12
C LYS A 159 3.80 -8.05 18.03
N PHE A 160 3.62 -6.74 17.90
CA PHE A 160 2.70 -6.07 18.80
C PHE A 160 1.29 -6.60 18.64
N LEU A 161 0.83 -6.76 17.39
CA LEU A 161 -0.53 -7.23 17.14
C LEU A 161 -0.70 -8.67 17.58
N ALA A 162 0.32 -9.51 17.39
CA ALA A 162 0.23 -10.89 17.83
C ALA A 162 0.08 -10.96 19.34
N ARG A 163 0.96 -10.23 20.06
CA ARG A 163 0.83 -10.09 21.51
C ARG A 163 -0.57 -9.66 21.92
N VAL A 164 -1.01 -8.51 21.43
CA VAL A 164 -2.10 -7.79 22.08
C VAL A 164 -3.46 -8.32 21.67
N GLU A 165 -3.61 -8.78 20.44
CA GLU A 165 -4.89 -9.30 19.99
C GLU A 165 -4.87 -10.78 19.68
N ARG A 166 -3.71 -11.43 19.74
CA ARG A 166 -3.62 -12.89 19.54
C ARG A 166 -4.11 -13.30 18.16
N VAL A 167 -3.78 -12.51 17.16
CA VAL A 167 -3.93 -12.88 15.76
C VAL A 167 -2.56 -13.31 15.23
N ILE A 168 -2.54 -14.15 14.21
CA ILE A 168 -1.30 -14.38 13.48
C ILE A 168 -1.13 -13.28 12.44
N VAL A 169 0.07 -12.74 12.34
CA VAL A 169 0.38 -11.69 11.37
C VAL A 169 1.39 -12.23 10.36
N VAL A 170 1.09 -12.04 9.09
CA VAL A 170 1.92 -12.51 7.98
C VAL A 170 2.19 -11.33 7.07
N SER A 171 3.46 -11.17 6.66
CA SER A 171 3.85 -10.18 5.66
C SER A 171 4.87 -10.78 4.71
N MET A 172 4.81 -10.35 3.44
CA MET A 172 5.62 -10.93 2.39
C MET A 172 6.31 -9.84 1.55
N ASN A 173 7.45 -10.19 0.97
CA ASN A 173 8.11 -9.32 0.01
C ASN A 173 7.68 -9.72 -1.40
N TYR A 174 7.41 -8.72 -2.21
CA TYR A 174 7.02 -8.96 -3.58
C TYR A 174 7.82 -8.02 -4.48
N ARG A 175 8.11 -8.51 -5.70
CA ARG A 175 8.92 -7.78 -6.65
C ARG A 175 8.25 -6.47 -7.04
N VAL A 176 9.03 -5.39 -7.03
CA VAL A 176 8.53 -4.06 -7.34
C VAL A 176 9.36 -3.48 -8.49
N GLY A 177 8.87 -2.38 -9.07
CA GLY A 177 9.51 -1.78 -10.22
C GLY A 177 9.54 -2.73 -11.41
N ALA A 178 10.56 -2.56 -12.25
CA ALA A 178 10.59 -3.29 -13.52
C ALA A 178 10.70 -4.79 -13.28
N LEU A 179 11.55 -5.21 -12.34
CA LEU A 179 11.65 -6.64 -12.06
C LEU A 179 10.31 -7.22 -11.68
N GLY A 180 9.41 -6.40 -11.11
CA GLY A 180 8.11 -6.85 -10.67
C GLY A 180 6.92 -6.63 -11.59
N PHE A 181 6.97 -5.60 -12.47
CA PHE A 181 5.79 -5.20 -13.23
C PHE A 181 6.11 -4.80 -14.67
N LEU A 182 7.28 -5.21 -15.18
CA LEU A 182 7.55 -5.03 -16.59
C LEU A 182 6.59 -5.89 -17.40
N ALA A 183 6.03 -5.33 -18.45
CA ALA A 183 5.02 -6.05 -19.22
C ALA A 183 5.20 -5.92 -20.72
N LEU A 184 5.27 -7.06 -21.40
CA LEU A 184 4.87 -7.18 -22.80
C LEU A 184 3.68 -8.14 -22.80
N PRO A 185 2.45 -7.61 -22.79
CA PRO A 185 1.28 -8.43 -22.47
C PRO A 185 1.17 -9.69 -23.31
N GLY A 186 0.69 -10.77 -22.68
CA GLY A 186 0.50 -12.07 -23.28
C GLY A 186 1.76 -12.91 -23.35
N ASN A 187 2.90 -12.27 -23.51
CA ASN A 187 4.21 -12.88 -23.65
C ASN A 187 4.69 -13.35 -22.28
N PRO A 188 4.67 -14.65 -21.98
CA PRO A 188 5.01 -15.09 -20.60
C PRO A 188 6.45 -14.81 -20.19
N GLU A 189 7.30 -14.32 -21.10
CA GLU A 189 8.65 -13.95 -20.68
C GLU A 189 8.65 -12.66 -19.88
N ALA A 190 7.63 -11.83 -20.06
CA ALA A 190 7.40 -10.63 -19.27
C ALA A 190 5.92 -10.27 -19.41
N PRO A 191 5.04 -10.97 -18.69
CA PRO A 191 3.59 -10.82 -18.92
C PRO A 191 2.98 -9.67 -18.13
N GLY A 192 3.69 -9.20 -17.11
CA GLY A 192 3.16 -8.18 -16.24
C GLY A 192 2.64 -8.78 -14.94
N ASN A 193 2.44 -7.91 -13.94
CA ASN A 193 1.80 -8.21 -12.67
C ASN A 193 2.51 -9.28 -11.85
N MET A 194 3.75 -9.62 -12.23
CA MET A 194 4.54 -10.59 -11.46
C MET A 194 4.53 -10.30 -9.95
N GLY A 195 4.69 -9.04 -9.54
CA GLY A 195 4.68 -8.73 -8.12
C GLY A 195 3.36 -9.08 -7.44
N LEU A 196 2.25 -8.74 -8.10
CA LEU A 196 0.93 -9.18 -7.64
C LEU A 196 0.84 -10.71 -7.55
N PHE A 197 1.46 -11.42 -8.51
CA PHE A 197 1.48 -12.88 -8.43
C PHE A 197 2.38 -13.38 -7.31
N ASP A 198 3.50 -12.68 -7.06
CA ASP A 198 4.25 -12.93 -5.83
C ASP A 198 3.32 -12.88 -4.63
N GLN A 199 2.64 -11.74 -4.46
CA GLN A 199 1.68 -11.62 -3.36
C GLN A 199 0.73 -12.80 -3.36
N GLN A 200 0.09 -13.07 -4.50
CA GLN A 200 -0.88 -14.16 -4.56
C GLN A 200 -0.26 -15.47 -4.14
N LEU A 201 0.99 -15.72 -4.52
CA LEU A 201 1.63 -16.96 -4.13
C LEU A 201 1.85 -17.06 -2.62
N ALA A 202 2.07 -15.92 -1.95
CA ALA A 202 2.20 -15.96 -0.50
C ALA A 202 0.86 -16.25 0.15
N LEU A 203 -0.21 -15.64 -0.38
CA LEU A 203 -1.55 -15.96 0.11
C LEU A 203 -1.82 -17.46 0.03
N GLN A 204 -1.51 -18.05 -1.14
CA GLN A 204 -1.56 -19.50 -1.29
C GLN A 204 -0.76 -20.19 -0.18
N TRP A 205 0.42 -19.67 0.15
CA TRP A 205 1.26 -20.34 1.14
C TRP A 205 0.58 -20.35 2.51
N VAL A 206 -0.05 -19.24 2.87
CA VAL A 206 -0.79 -19.20 4.13
C VAL A 206 -1.93 -20.20 4.08
N GLN A 207 -2.53 -20.39 2.91
CA GLN A 207 -3.62 -21.34 2.77
C GLN A 207 -3.16 -22.78 3.05
N LYS A 208 -1.96 -23.14 2.59
CA LYS A 208 -1.47 -24.51 2.71
C LYS A 208 -0.68 -24.78 3.99
N ASN A 209 -0.23 -23.74 4.71
CA ASN A 209 0.72 -23.94 5.81
C ASN A 209 0.37 -23.26 7.12
N ILE A 210 -0.61 -22.35 7.16
CA ILE A 210 -0.81 -21.57 8.38
C ILE A 210 -1.50 -22.36 9.51
N ALA A 211 -2.25 -23.41 9.17
CA ALA A 211 -2.85 -24.22 10.23
C ALA A 211 -1.75 -24.82 11.10
N ALA A 212 -0.65 -25.25 10.46
CA ALA A 212 0.47 -25.76 11.25
C ALA A 212 0.93 -24.75 12.28
N PHE A 213 0.96 -23.47 11.92
CA PHE A 213 1.31 -22.41 12.85
C PHE A 213 0.20 -22.05 13.83
N GLY A 214 -0.95 -22.71 13.76
CA GLY A 214 -2.05 -22.37 14.65
C GLY A 214 -3.07 -21.41 14.10
N GLY A 215 -3.08 -21.18 12.79
CA GLY A 215 -3.89 -20.14 12.19
C GLY A 215 -5.07 -20.76 11.45
N ASN A 216 -6.15 -20.00 11.38
CA ASN A 216 -7.31 -20.44 10.62
C ASN A 216 -7.19 -19.97 9.18
N PRO A 217 -6.87 -20.84 8.24
CA PRO A 217 -6.94 -20.45 6.83
C PRO A 217 -8.30 -19.94 6.42
N LYS A 218 -9.35 -20.33 7.13
CA LYS A 218 -10.68 -19.89 6.76
C LYS A 218 -11.04 -18.53 7.33
N SER A 219 -10.10 -17.82 8.00
CA SER A 219 -10.36 -16.46 8.51
C SER A 219 -9.08 -15.64 8.32
N VAL A 220 -8.97 -15.01 7.15
CA VAL A 220 -7.76 -14.34 6.66
C VAL A 220 -8.15 -12.96 6.14
N THR A 221 -7.53 -11.91 6.69
CA THR A 221 -7.77 -10.55 6.24
C THR A 221 -6.52 -9.96 5.58
N LEU A 222 -6.61 -9.64 4.29
CA LEU A 222 -5.58 -8.81 3.68
C LEU A 222 -5.68 -7.41 4.28
N PHE A 223 -4.54 -6.83 4.70
CA PHE A 223 -4.47 -5.38 4.83
C PHE A 223 -3.14 -4.86 4.30
N GLY A 224 -3.14 -3.59 3.90
CA GLY A 224 -2.04 -2.95 3.18
C GLY A 224 -2.28 -1.46 3.07
N GLU A 225 -1.25 -0.73 2.61
CA GLU A 225 -1.31 0.72 2.58
C GLU A 225 -0.73 1.26 1.28
N SER A 226 -1.33 2.35 0.79
CA SER A 226 -0.93 3.00 -0.46
C SER A 226 -0.95 1.98 -1.60
N ALA A 227 0.20 1.67 -2.20
CA ALA A 227 0.20 0.66 -3.26
C ALA A 227 -0.17 -0.70 -2.71
N GLY A 228 0.15 -0.96 -1.43
CA GLY A 228 -0.36 -2.16 -0.80
C GLY A 228 -1.87 -2.24 -0.83
N ALA A 229 -2.53 -1.11 -0.58
CA ALA A 229 -3.99 -1.11 -0.52
C ALA A 229 -4.59 -1.23 -1.92
N ALA A 230 -4.03 -0.52 -2.89
CA ALA A 230 -4.38 -0.81 -4.27
C ALA A 230 -4.18 -2.29 -4.58
N SER A 231 -3.20 -2.94 -3.94
CA SER A 231 -3.01 -4.37 -4.22
C SER A 231 -4.16 -5.18 -3.66
N VAL A 232 -4.58 -4.86 -2.45
CA VAL A 232 -5.68 -5.57 -1.84
C VAL A 232 -6.94 -5.40 -2.70
N SER A 233 -7.18 -4.18 -3.17
CA SER A 233 -8.37 -3.96 -3.99
C SER A 233 -8.35 -4.83 -5.24
N LEU A 234 -7.16 -5.04 -5.82
CA LEU A 234 -7.07 -5.82 -7.04
C LEU A 234 -7.17 -7.31 -6.77
N HIS A 235 -6.85 -7.72 -5.55
CA HIS A 235 -7.08 -9.09 -5.14
C HIS A 235 -8.58 -9.38 -5.01
N LEU A 236 -9.36 -8.36 -4.63
CA LEU A 236 -10.81 -8.47 -4.67
C LEU A 236 -11.34 -8.62 -6.09
N LEU A 237 -10.62 -8.13 -7.10
CA LEU A 237 -11.12 -8.31 -8.45
C LEU A 237 -10.60 -9.58 -9.10
N SER A 238 -9.53 -10.16 -8.57
CA SER A 238 -8.80 -11.16 -9.32
C SER A 238 -9.34 -12.52 -8.93
N PRO A 239 -10.04 -13.23 -9.82
CA PRO A 239 -10.72 -14.47 -9.41
C PRO A 239 -9.77 -15.46 -8.76
N GLY A 240 -8.53 -15.55 -9.27
CA GLY A 240 -7.53 -16.46 -8.74
C GLY A 240 -7.11 -16.15 -7.31
N SER A 241 -7.57 -15.04 -6.74
CA SER A 241 -7.35 -14.79 -5.33
C SER A 241 -8.61 -14.96 -4.47
N HIS A 242 -9.80 -15.09 -5.08
N HIS A 242 -9.78 -15.15 -5.07
CA HIS A 242 -11.07 -15.09 -4.36
CA HIS A 242 -11.01 -15.04 -4.31
C HIS A 242 -11.01 -16.01 -3.14
C HIS A 242 -11.07 -16.04 -3.17
N SER A 243 -10.41 -17.19 -3.32
CA SER A 243 -10.43 -18.25 -2.31
C SER A 243 -9.23 -18.22 -1.36
N LEU A 244 -8.41 -17.16 -1.40
CA LEU A 244 -7.21 -17.07 -0.58
C LEU A 244 -7.32 -16.07 0.56
N PHE A 245 -8.47 -15.41 0.74
CA PHE A 245 -8.71 -14.57 1.90
C PHE A 245 -10.20 -14.40 2.09
N THR A 246 -10.59 -13.85 3.24
CA THR A 246 -12.02 -13.61 3.45
C THR A 246 -12.40 -12.13 3.46
N ARG A 247 -11.65 -11.27 4.16
CA ARG A 247 -12.00 -9.84 4.27
C ARG A 247 -10.79 -8.99 3.84
N ALA A 248 -10.95 -7.67 3.91
CA ALA A 248 -9.96 -6.75 3.32
C ALA A 248 -10.04 -5.36 3.95
N ILE A 249 -8.87 -4.78 4.19
CA ILE A 249 -8.71 -3.43 4.73
C ILE A 249 -7.83 -2.65 3.77
N LEU A 250 -8.22 -1.41 3.45
CA LEU A 250 -7.50 -0.59 2.46
C LEU A 250 -7.12 0.75 3.08
N GLN A 251 -5.82 0.98 3.26
CA GLN A 251 -5.32 2.19 3.92
C GLN A 251 -4.72 3.14 2.89
N SER A 252 -5.39 4.27 2.68
CA SER A 252 -4.95 5.26 1.69
C SER A 252 -4.59 4.61 0.35
N GLY A 253 -5.49 3.77 -0.18
CA GLY A 253 -5.20 3.21 -1.49
C GLY A 253 -6.33 2.44 -2.12
N SER A 254 -6.44 2.49 -3.45
CA SER A 254 -7.39 1.63 -4.16
C SER A 254 -6.98 1.62 -5.64
N PHE A 255 -7.41 0.58 -6.36
CA PHE A 255 -6.91 0.38 -7.72
C PHE A 255 -7.35 1.51 -8.66
N ASN A 256 -8.45 2.18 -8.37
CA ASN A 256 -8.97 3.24 -9.22
C ASN A 256 -8.27 4.54 -9.00
N ALA A 257 -7.23 4.55 -8.17
CA ALA A 257 -6.43 5.76 -8.04
C ALA A 257 -5.65 6.01 -9.33
N PRO A 258 -5.43 7.28 -9.71
CA PRO A 258 -4.82 7.55 -11.02
C PRO A 258 -3.40 7.01 -11.17
N TRP A 259 -2.66 6.78 -10.08
CA TRP A 259 -1.33 6.19 -10.15
C TRP A 259 -1.31 4.65 -10.17
N ALA A 260 -2.42 3.97 -9.90
CA ALA A 260 -2.36 2.54 -9.54
C ALA A 260 -2.29 1.57 -10.72
N VAL A 261 -2.82 1.90 -11.90
CA VAL A 261 -2.78 0.97 -13.02
C VAL A 261 -2.06 1.63 -14.17
N THR A 262 -1.01 0.99 -14.66
CA THR A 262 -0.38 1.39 -15.92
C THR A 262 -1.18 0.88 -17.11
N SER A 263 -1.45 1.79 -18.05
CA SER A 263 -2.18 1.41 -19.26
C SER A 263 -1.31 0.55 -20.17
N LEU A 264 -1.98 -0.22 -21.03
CA LEU A 264 -1.23 -1.12 -21.90
C LEU A 264 -0.48 -0.33 -22.96
N TYR A 265 -1.03 0.80 -23.40
CA TYR A 265 -0.28 1.75 -24.20
C TYR A 265 1.01 2.15 -23.48
N GLU A 266 0.88 2.61 -22.24
CA GLU A 266 2.05 3.07 -21.50
C GLU A 266 2.98 1.91 -21.14
N ALA A 267 2.42 0.75 -20.79
CA ALA A 267 3.31 -0.35 -20.42
C ALA A 267 4.25 -0.68 -21.56
N ARG A 268 3.75 -0.64 -22.79
CA ARG A 268 4.62 -0.88 -23.93
C ARG A 268 5.64 0.23 -24.09
N ASN A 269 5.17 1.49 -24.11
CA ASN A 269 6.07 2.63 -24.27
C ASN A 269 7.21 2.56 -23.28
N ARG A 270 6.93 2.04 -22.08
CA ARG A 270 7.90 2.09 -21.00
C ARG A 270 8.90 0.93 -21.03
N THR A 271 8.46 -0.29 -21.30
CA THR A 271 9.46 -1.34 -21.45
C THR A 271 10.31 -1.09 -22.69
N LEU A 272 9.71 -0.56 -23.78
CA LEU A 272 10.52 -0.19 -24.95
C LEU A 272 11.53 0.90 -24.61
N ASN A 273 11.11 1.91 -23.85
CA ASN A 273 12.08 2.94 -23.43
C ASN A 273 13.19 2.34 -22.58
N LEU A 274 12.91 1.28 -21.83
CA LEU A 274 13.97 0.60 -21.11
C LEU A 274 14.85 -0.23 -22.05
N ALA A 275 14.30 -0.67 -23.18
CA ALA A 275 15.07 -1.49 -24.10
C ALA A 275 16.17 -0.67 -24.76
N LYS A 276 15.79 0.45 -25.40
CA LYS A 276 16.82 1.30 -25.99
C LYS A 276 17.75 1.86 -24.93
N LEU A 277 17.23 2.12 -23.73
CA LEU A 277 18.09 2.69 -22.70
C LEU A 277 19.17 1.72 -22.23
N THR A 278 18.98 0.41 -22.44
CA THR A 278 20.01 -0.58 -22.19
C THR A 278 20.57 -1.16 -23.47
N GLY A 279 20.29 -0.54 -24.60
CA GLY A 279 20.78 -1.08 -25.87
C GLY A 279 20.37 -2.53 -26.07
N CYS A 280 19.11 -2.82 -25.74
CA CYS A 280 18.50 -4.14 -25.90
C CYS A 280 17.36 -4.10 -26.90
N SER A 281 17.17 -2.99 -27.62
CA SER A 281 16.13 -2.99 -28.64
C SER A 281 16.35 -4.08 -29.67
N ARG A 282 15.27 -4.81 -29.96
CA ARG A 282 15.26 -5.83 -30.99
C ARG A 282 13.93 -5.69 -31.72
N GLU A 283 13.53 -6.75 -32.43
CA GLU A 283 12.17 -6.79 -32.97
C GLU A 283 11.51 -8.13 -32.65
N ASN A 284 12.30 -9.21 -32.53
CA ASN A 284 11.78 -10.37 -31.82
C ASN A 284 11.60 -9.93 -30.38
N GLU A 285 10.35 -9.70 -29.99
CA GLU A 285 10.10 -9.17 -28.65
C GLU A 285 10.68 -10.08 -27.57
N THR A 286 10.71 -11.39 -27.82
CA THR A 286 11.30 -12.28 -26.84
C THR A 286 12.80 -12.06 -26.71
N GLU A 287 13.50 -11.81 -27.84
CA GLU A 287 14.94 -11.58 -27.75
C GLU A 287 15.26 -10.29 -27.00
N ILE A 288 14.29 -9.39 -26.84
CA ILE A 288 14.48 -8.23 -25.98
C ILE A 288 14.53 -8.66 -24.52
N ILE A 289 13.61 -9.54 -24.11
CA ILE A 289 13.59 -9.97 -22.71
C ILE A 289 14.83 -10.77 -22.39
N LYS A 290 15.26 -11.65 -23.31
CA LYS A 290 16.48 -12.40 -23.06
C LYS A 290 17.67 -11.46 -22.91
N CYS A 291 17.67 -10.35 -23.66
CA CYS A 291 18.74 -9.37 -23.52
C CYS A 291 18.64 -8.66 -22.19
N LEU A 292 17.43 -8.35 -21.75
CA LEU A 292 17.19 -7.75 -20.44
C LEU A 292 17.53 -8.68 -19.29
N ARG A 293 17.64 -9.97 -19.56
CA ARG A 293 17.97 -10.91 -18.50
C ARG A 293 19.47 -11.06 -18.27
N ASN A 294 20.30 -10.50 -19.15
CA ASN A 294 21.75 -10.50 -18.95
C ASN A 294 22.29 -9.18 -18.45
N LYS A 295 21.46 -8.14 -18.39
CA LYS A 295 21.83 -6.95 -17.67
C LYS A 295 21.94 -7.23 -16.17
N ASP A 296 22.68 -6.37 -15.49
CA ASP A 296 22.81 -6.42 -14.05
C ASP A 296 21.69 -5.64 -13.39
N PRO A 297 21.12 -6.22 -12.35
CA PRO A 297 20.02 -5.57 -11.62
C PRO A 297 20.16 -4.05 -11.51
N GLN A 298 21.36 -3.53 -11.21
CA GLN A 298 21.45 -2.09 -11.01
C GLN A 298 21.47 -1.35 -12.33
N GLU A 299 21.92 -1.99 -13.42
CA GLU A 299 21.76 -1.30 -14.69
C GLU A 299 20.30 -1.29 -15.10
N ILE A 300 19.54 -2.28 -14.66
CA ILE A 300 18.09 -2.23 -14.85
C ILE A 300 17.46 -1.25 -13.87
N LEU A 301 17.97 -1.22 -12.63
CA LEU A 301 17.51 -0.23 -11.68
C LEU A 301 17.79 1.17 -12.20
N LEU A 302 18.93 1.35 -12.87
CA LEU A 302 19.40 2.69 -13.16
C LEU A 302 18.50 3.39 -14.15
N ASN A 303 18.28 2.79 -15.31
CA ASN A 303 17.50 3.45 -16.34
C ASN A 303 15.99 3.38 -16.09
N GLU A 304 15.56 2.67 -15.05
CA GLU A 304 14.14 2.66 -14.67
C GLU A 304 13.55 4.06 -14.53
N ALA A 305 14.33 5.05 -14.09
CA ALA A 305 13.74 6.34 -13.71
C ALA A 305 13.22 7.12 -14.90
N PHE A 306 13.90 7.02 -16.04
CA PHE A 306 13.67 7.90 -17.17
C PHE A 306 12.70 7.33 -18.19
N VAL A 307 12.00 6.25 -17.84
CA VAL A 307 11.04 5.69 -18.79
C VAL A 307 9.81 6.59 -18.89
N VAL A 308 9.47 7.32 -17.84
CA VAL A 308 8.32 8.23 -17.89
C VAL A 308 8.74 9.48 -18.65
N PRO A 309 8.05 9.83 -19.73
CA PRO A 309 8.38 11.08 -20.46
C PRO A 309 8.51 12.29 -19.56
N TYR A 310 7.50 12.54 -18.73
CA TYR A 310 7.58 13.61 -17.74
C TYR A 310 7.16 13.02 -16.41
N GLY A 311 8.12 12.90 -15.48
CA GLY A 311 7.84 12.29 -14.21
C GLY A 311 7.19 13.23 -13.23
N THR A 312 6.55 12.63 -12.22
CA THR A 312 5.95 13.36 -11.12
C THR A 312 6.31 12.64 -9.83
N PRO A 313 6.19 13.31 -8.68
CA PRO A 313 6.46 12.59 -7.42
C PRO A 313 5.54 11.40 -7.22
N LEU A 314 4.46 11.29 -7.99
CA LEU A 314 3.51 10.20 -7.92
C LEU A 314 3.68 9.20 -9.04
N SER A 315 4.82 9.21 -9.70
CA SER A 315 4.97 8.36 -10.86
C SER A 315 5.13 6.90 -10.45
N VAL A 316 4.51 6.05 -11.22
CA VAL A 316 4.57 4.62 -11.03
C VAL A 316 5.17 4.08 -12.32
N ASN A 317 6.50 3.97 -12.34
CA ASN A 317 7.23 3.63 -13.56
C ASN A 317 6.71 2.33 -14.15
N PHE A 318 6.69 1.27 -13.34
CA PHE A 318 6.20 -0.02 -13.75
C PHE A 318 5.20 -0.49 -12.71
N GLY A 319 3.95 -0.71 -13.15
CA GLY A 319 2.88 -1.05 -12.25
C GLY A 319 1.98 -2.17 -12.74
N PRO A 320 0.87 -2.36 -12.07
CA PRO A 320 -0.05 -3.41 -12.50
C PRO A 320 -0.63 -3.09 -13.87
N THR A 321 -0.78 -4.11 -14.71
CA THR A 321 -1.38 -3.92 -16.02
C THR A 321 -2.56 -4.87 -16.11
N VAL A 322 -3.45 -4.56 -17.05
CA VAL A 322 -4.47 -5.52 -17.49
C VAL A 322 -3.73 -6.59 -18.28
N ASP A 323 -3.40 -7.69 -17.61
CA ASP A 323 -2.60 -8.72 -18.24
C ASP A 323 -3.41 -9.85 -18.87
N GLY A 324 -4.71 -9.91 -18.61
CA GLY A 324 -5.50 -11.05 -19.04
C GLY A 324 -5.30 -12.30 -18.22
N ASP A 325 -4.48 -12.26 -17.19
CA ASP A 325 -4.27 -13.41 -16.32
C ASP A 325 -4.64 -13.07 -14.89
N PHE A 326 -3.99 -12.09 -14.29
CA PHE A 326 -4.42 -11.58 -13.00
C PHE A 326 -5.59 -10.64 -13.16
N LEU A 327 -5.59 -9.82 -14.21
CA LEU A 327 -6.61 -8.80 -14.43
C LEU A 327 -7.20 -9.06 -15.81
N THR A 328 -8.43 -9.57 -15.85
CA THR A 328 -9.04 -10.01 -17.10
C THR A 328 -9.62 -8.87 -17.92
N ASP A 329 -9.79 -7.69 -17.30
CA ASP A 329 -10.45 -6.54 -17.91
C ASP A 329 -10.00 -5.28 -17.18
N MET A 330 -10.20 -4.14 -17.83
CA MET A 330 -9.93 -2.87 -17.17
C MET A 330 -10.68 -2.76 -15.85
N PRO A 331 -10.00 -2.53 -14.73
CA PRO A 331 -10.63 -2.76 -13.43
C PRO A 331 -11.77 -1.80 -13.11
N ASP A 332 -11.75 -0.56 -13.63
CA ASP A 332 -12.87 0.34 -13.36
C ASP A 332 -14.18 -0.25 -13.82
N ILE A 333 -14.15 -1.08 -14.86
CA ILE A 333 -15.37 -1.73 -15.35
C ILE A 333 -15.79 -2.91 -14.48
N LEU A 334 -14.85 -3.75 -14.02
CA LEU A 334 -15.23 -4.79 -13.07
C LEU A 334 -15.87 -4.20 -11.82
N LEU A 335 -15.27 -3.14 -11.28
CA LEU A 335 -15.85 -2.45 -10.14
C LEU A 335 -17.26 -1.96 -10.45
N GLU A 336 -17.39 -1.25 -11.58
CA GLU A 336 -18.68 -0.72 -11.98
C GLU A 336 -19.72 -1.81 -12.18
N LEU A 337 -19.32 -3.01 -12.61
CA LEU A 337 -20.27 -4.05 -12.96
C LEU A 337 -20.36 -5.16 -11.93
N GLY A 338 -19.92 -4.89 -10.69
CA GLY A 338 -20.06 -5.83 -9.58
C GLY A 338 -19.20 -7.07 -9.68
N GLN A 339 -18.08 -7.01 -10.39
CA GLN A 339 -17.24 -8.20 -10.62
C GLN A 339 -16.09 -8.21 -9.62
N PHE A 340 -16.40 -8.64 -8.40
CA PHE A 340 -15.40 -8.72 -7.36
C PHE A 340 -15.90 -9.62 -6.23
N LYS A 341 -14.97 -10.00 -5.37
CA LYS A 341 -15.29 -10.83 -4.23
C LYS A 341 -16.26 -10.11 -3.29
N LYS A 342 -17.35 -10.78 -2.89
CA LYS A 342 -18.35 -10.20 -2.03
C LYS A 342 -17.95 -10.47 -0.59
N THR A 343 -17.67 -9.40 0.16
CA THR A 343 -17.12 -9.51 1.51
C THR A 343 -17.11 -8.12 2.13
N GLN A 344 -16.63 -8.02 3.36
CA GLN A 344 -16.61 -6.75 4.05
C GLN A 344 -15.33 -6.02 3.70
N ILE A 345 -15.40 -4.70 3.70
CA ILE A 345 -14.19 -3.92 3.52
C ILE A 345 -14.12 -2.82 4.56
N LEU A 346 -12.90 -2.50 4.92
CA LEU A 346 -12.57 -1.39 5.79
C LEU A 346 -11.64 -0.51 4.98
N VAL A 347 -12.06 0.72 4.76
CA VAL A 347 -11.36 1.63 3.86
C VAL A 347 -11.20 2.94 4.60
N GLY A 348 -10.17 3.70 4.24
CA GLY A 348 -9.91 4.94 4.95
C GLY A 348 -8.69 5.64 4.41
N VAL A 349 -8.60 6.92 4.75
CA VAL A 349 -7.55 7.81 4.25
C VAL A 349 -7.17 8.75 5.40
N ASN A 350 -6.05 9.43 5.21
CA ASN A 350 -5.51 10.41 6.14
C ASN A 350 -5.87 11.82 5.70
N LYS A 351 -5.84 12.73 6.67
CA LYS A 351 -6.25 14.12 6.45
C LYS A 351 -5.31 14.84 5.48
N ASP A 352 -4.01 14.59 5.55
CA ASP A 352 -3.08 15.33 4.70
C ASP A 352 -2.29 14.38 3.81
N GLU A 353 -3.00 13.56 3.02
CA GLU A 353 -2.37 12.59 2.12
C GLU A 353 -1.37 13.25 1.20
N GLY A 354 -1.69 14.43 0.70
CA GLY A 354 -0.95 15.02 -0.41
C GLY A 354 0.33 15.75 -0.07
N THR A 355 0.56 16.16 1.19
CA THR A 355 1.64 17.10 1.52
C THR A 355 3.03 16.51 1.25
N ALA A 356 3.29 15.31 1.75
CA ALA A 356 4.56 14.61 1.53
C ALA A 356 5.12 14.80 0.12
N PHE A 357 4.25 14.82 -0.89
CA PHE A 357 4.76 14.84 -2.25
C PHE A 357 5.13 16.23 -2.72
N LEU A 358 4.69 17.27 -2.00
CA LEU A 358 5.00 18.63 -2.44
C LEU A 358 6.49 18.91 -2.40
N VAL A 359 7.22 18.32 -1.45
CA VAL A 359 8.65 18.64 -1.31
C VAL A 359 9.52 17.74 -2.17
N TYR A 360 8.90 17.01 -3.11
CA TYR A 360 9.65 16.22 -4.06
C TYR A 360 9.57 16.77 -5.49
N GLY A 361 9.42 18.08 -5.63
CA GLY A 361 9.34 18.63 -6.97
C GLY A 361 8.58 19.95 -7.06
N ALA A 362 7.68 20.22 -6.10
CA ALA A 362 6.83 21.40 -6.21
C ALA A 362 7.65 22.66 -5.92
N PRO A 363 7.61 23.64 -6.82
CA PRO A 363 8.47 24.82 -6.66
C PRO A 363 8.01 25.64 -5.47
N GLY A 364 8.97 26.14 -4.70
CA GLY A 364 8.67 26.96 -3.54
C GLY A 364 8.46 26.21 -2.25
N PHE A 365 8.63 24.89 -2.25
CA PHE A 365 8.29 24.03 -1.14
C PHE A 365 9.55 23.47 -0.45
N SER A 366 9.44 23.24 0.86
CA SER A 366 10.56 22.57 1.52
C SER A 366 10.14 22.01 2.87
N LYS A 367 10.67 20.84 3.21
CA LYS A 367 10.46 20.35 4.56
C LYS A 367 11.06 21.27 5.61
N ASP A 368 11.97 22.16 5.20
CA ASP A 368 12.77 22.96 6.14
C ASP A 368 12.31 24.42 6.22
N ASN A 369 11.08 24.72 5.79
CA ASN A 369 10.42 25.98 6.14
C ASN A 369 8.93 25.76 5.96
N ASN A 370 8.17 26.82 6.17
CA ASN A 370 6.72 26.71 6.18
C ASN A 370 6.10 26.86 4.79
N SER A 371 6.91 27.03 3.76
CA SER A 371 6.51 26.74 2.38
C SER A 371 5.32 27.59 1.91
N ILE A 372 5.16 28.80 2.43
CA ILE A 372 4.25 29.76 1.80
C ILE A 372 4.65 29.96 0.35
N ILE A 373 3.73 29.67 -0.56
CA ILE A 373 3.94 29.90 -1.97
C ILE A 373 2.90 30.89 -2.46
N THR A 374 3.15 31.40 -3.66
CA THR A 374 2.30 32.40 -4.28
C THR A 374 1.40 31.74 -5.32
N ARG A 375 0.42 32.50 -5.77
CA ARG A 375 -0.44 32.06 -6.87
C ARG A 375 0.37 31.51 -8.05
N LYS A 376 1.51 32.12 -8.34
CA LYS A 376 2.22 31.68 -9.54
C LYS A 376 3.01 30.40 -9.26
N GLU A 377 3.49 30.25 -8.02
CA GLU A 377 4.18 29.01 -7.64
C GLU A 377 3.22 27.84 -7.62
N PHE A 378 2.01 28.09 -7.15
CA PHE A 378 0.92 27.12 -7.25
C PHE A 378 0.66 26.70 -8.70
N GLN A 379 0.52 27.67 -9.60
CA GLN A 379 0.25 27.32 -10.99
C GLN A 379 1.37 26.46 -11.57
N GLU A 380 2.62 26.82 -11.24
CA GLU A 380 3.75 26.02 -11.71
C GLU A 380 3.73 24.65 -11.08
N GLY A 381 3.24 24.56 -9.83
CA GLY A 381 3.16 23.27 -9.17
C GLY A 381 2.17 22.33 -9.81
N LEU A 382 1.07 22.86 -10.34
CA LEU A 382 0.17 22.04 -11.13
C LEU A 382 0.87 21.51 -12.37
N LYS A 383 1.71 22.34 -13.02
CA LYS A 383 2.44 21.86 -14.19
C LYS A 383 3.28 20.64 -13.82
N ILE A 384 3.80 20.62 -12.60
CA ILE A 384 4.65 19.53 -12.11
C ILE A 384 3.84 18.30 -11.73
N PHE A 385 2.66 18.48 -11.14
CA PHE A 385 1.82 17.35 -10.79
C PHE A 385 0.91 16.86 -11.91
N PHE A 386 0.55 17.69 -12.88
CA PHE A 386 -0.37 17.26 -13.96
C PHE A 386 0.23 17.58 -15.32
N PRO A 387 1.33 16.92 -15.68
CA PRO A 387 2.18 17.44 -16.76
C PRO A 387 1.57 17.30 -18.16
N GLY A 388 0.90 16.18 -18.45
CA GLY A 388 0.34 15.98 -19.78
C GLY A 388 -1.11 16.44 -19.88
N VAL A 389 -1.47 17.40 -19.05
CA VAL A 389 -2.85 17.87 -18.92
C VAL A 389 -2.96 19.24 -19.58
N SER A 390 -4.08 19.46 -20.28
CA SER A 390 -4.33 20.65 -21.05
C SER A 390 -4.27 21.92 -20.21
N GLU A 391 -4.05 23.05 -20.88
CA GLU A 391 -4.06 24.33 -20.18
C GLU A 391 -5.38 24.52 -19.45
N PHE A 392 -6.48 24.05 -20.06
CA PHE A 392 -7.81 24.24 -19.50
C PHE A 392 -8.03 23.38 -18.26
N GLY A 393 -7.58 22.13 -18.30
CA GLY A 393 -7.71 21.27 -17.14
C GLY A 393 -7.00 21.84 -15.91
N LYS A 394 -5.77 22.33 -16.09
CA LYS A 394 -5.07 22.98 -15.00
C LYS A 394 -5.80 24.23 -14.54
N GLU A 395 -6.42 24.98 -15.48
CA GLU A 395 -7.17 26.16 -15.07
C GLU A 395 -8.39 25.74 -14.26
N SER A 396 -8.97 24.60 -14.61
CA SER A 396 -10.13 24.12 -13.87
C SER A 396 -9.76 23.63 -12.48
N ILE A 397 -8.57 23.07 -12.30
CA ILE A 397 -8.11 22.75 -10.94
C ILE A 397 -7.92 24.03 -10.13
N LEU A 398 -7.27 25.04 -10.71
CA LEU A 398 -7.06 26.25 -9.94
C LEU A 398 -8.39 26.87 -9.55
N PHE A 399 -9.36 26.84 -10.45
CA PHE A 399 -10.63 27.51 -10.20
C PHE A 399 -11.39 26.85 -9.05
N HIS A 400 -11.39 25.53 -8.98
CA HIS A 400 -12.15 24.82 -7.94
CA HIS A 400 -12.17 24.87 -7.95
C HIS A 400 -11.49 24.92 -6.59
N TYR A 401 -10.17 25.08 -6.53
CA TYR A 401 -9.49 25.08 -5.23
C TYR A 401 -9.07 26.44 -4.74
N THR A 402 -9.23 27.52 -5.52
CA THR A 402 -8.76 28.83 -5.09
C THR A 402 -9.90 29.81 -4.86
N ASP A 403 -11.08 29.34 -4.48
CA ASP A 403 -12.17 30.26 -4.19
C ASP A 403 -12.31 30.34 -2.68
N TRP A 404 -11.41 31.12 -2.10
CA TRP A 404 -11.24 31.23 -0.66
C TRP A 404 -12.42 31.95 -0.03
N VAL A 405 -12.76 31.51 1.20
CA VAL A 405 -13.38 32.45 2.13
C VAL A 405 -12.58 33.74 2.18
N ASP A 406 -11.27 33.60 2.03
CA ASP A 406 -10.34 34.51 2.68
C ASP A 406 -9.07 34.76 1.85
N ASP A 407 -9.09 35.89 1.16
CA ASP A 407 -8.10 36.18 0.10
C ASP A 407 -6.71 36.44 0.66
N GLN A 408 -6.62 36.91 1.91
CA GLN A 408 -5.36 37.45 2.42
C GLN A 408 -4.50 36.42 3.17
N ARG A 409 -5.10 35.32 3.69
CA ARG A 409 -4.42 34.14 4.24
C ARG A 409 -3.15 33.78 3.46
N PRO A 410 -1.97 33.78 4.09
CA PRO A 410 -0.74 33.49 3.34
C PRO A 410 -0.56 32.02 3.00
N GLU A 411 -1.10 31.12 3.81
CA GLU A 411 -0.95 29.68 3.56
C GLU A 411 -1.88 29.17 2.46
N ASN A 412 -2.75 30.04 1.92
CA ASN A 412 -3.84 29.62 1.06
C ASN A 412 -3.37 28.71 -0.07
N TYR A 413 -2.43 29.20 -0.90
CA TYR A 413 -1.94 28.39 -2.01
C TYR A 413 -1.20 27.14 -1.52
N ARG A 414 -0.43 27.25 -0.43
CA ARG A 414 0.27 26.09 0.11
C ARG A 414 -0.69 24.95 0.47
N GLU A 415 -1.78 25.27 1.18
CA GLU A 415 -2.73 24.24 1.58
C GLU A 415 -3.54 23.72 0.40
N ALA A 416 -3.84 24.58 -0.57
CA ALA A 416 -4.60 24.17 -1.76
C ALA A 416 -3.86 23.12 -2.58
N LEU A 417 -2.54 23.24 -2.72
CA LEU A 417 -1.83 22.30 -3.57
C LEU A 417 -1.68 20.95 -2.89
N GLY A 418 -1.50 20.96 -1.56
CA GLY A 418 -1.54 19.72 -0.82
C GLY A 418 -2.87 19.01 -0.99
N ASP A 419 -3.98 19.73 -0.79
CA ASP A 419 -5.31 19.17 -0.93
C ASP A 419 -5.56 18.68 -2.35
N VAL A 420 -5.12 19.46 -3.35
CA VAL A 420 -5.28 19.05 -4.75
C VAL A 420 -4.69 17.67 -4.96
N VAL A 421 -3.44 17.47 -4.54
CA VAL A 421 -2.75 16.20 -4.79
C VAL A 421 -3.38 15.08 -3.99
N GLY A 422 -3.76 15.38 -2.74
CA GLY A 422 -4.34 14.35 -1.89
C GLY A 422 -5.72 13.95 -2.32
N ASP A 423 -6.57 14.93 -2.67
CA ASP A 423 -7.91 14.58 -3.11
C ASP A 423 -7.87 13.85 -4.43
N TYR A 424 -6.99 14.26 -5.33
CA TYR A 424 -6.94 13.62 -6.64
C TYR A 424 -6.33 12.23 -6.53
N ASN A 425 -5.27 12.08 -5.74
CA ASN A 425 -4.55 10.82 -5.81
C ASN A 425 -5.01 9.77 -4.80
N PHE A 426 -5.77 10.14 -3.78
CA PHE A 426 -6.01 9.19 -2.70
C PHE A 426 -7.44 9.24 -2.19
N ILE A 427 -7.89 10.41 -1.75
CA ILE A 427 -9.12 10.47 -0.94
C ILE A 427 -10.34 10.17 -1.81
N CYS A 428 -10.55 10.98 -2.86
CA CYS A 428 -11.65 10.72 -3.80
C CYS A 428 -11.67 9.32 -4.40
N PRO A 429 -10.56 8.73 -4.84
CA PRO A 429 -10.63 7.33 -5.31
C PRO A 429 -11.00 6.34 -4.24
N ALA A 430 -10.53 6.56 -3.01
CA ALA A 430 -10.90 5.64 -1.94
C ALA A 430 -12.38 5.74 -1.65
N LEU A 431 -12.92 6.95 -1.62
CA LEU A 431 -14.36 7.12 -1.48
C LEU A 431 -15.11 6.48 -2.64
N GLU A 432 -14.66 6.70 -3.88
CA GLU A 432 -15.42 6.16 -5.01
C GLU A 432 -15.35 4.63 -5.03
N PHE A 433 -14.19 4.05 -4.73
CA PHE A 433 -14.16 2.61 -4.57
C PHE A 433 -15.18 2.14 -3.51
N THR A 434 -15.24 2.84 -2.37
CA THR A 434 -16.12 2.40 -1.29
C THR A 434 -17.61 2.53 -1.65
N LYS A 435 -18.04 3.61 -2.32
CA LYS A 435 -19.42 3.66 -2.83
C LYS A 435 -19.70 2.47 -3.72
N LYS A 436 -18.91 2.31 -4.78
CA LYS A 436 -19.26 1.31 -5.78
C LYS A 436 -19.27 -0.08 -5.18
N PHE A 437 -18.32 -0.38 -4.31
CA PHE A 437 -18.28 -1.71 -3.72
C PHE A 437 -19.50 -1.95 -2.83
N SER A 438 -19.84 -0.96 -2.00
CA SER A 438 -20.99 -1.10 -1.12
C SER A 438 -22.30 -1.16 -1.90
N GLU A 439 -22.34 -0.58 -3.11
CA GLU A 439 -23.57 -0.62 -3.90
C GLU A 439 -23.95 -2.01 -4.34
N TRP A 440 -23.09 -3.00 -4.11
CA TRP A 440 -23.40 -4.38 -4.43
C TRP A 440 -23.72 -5.18 -3.18
N GLY A 441 -24.03 -4.50 -2.08
CA GLY A 441 -24.65 -5.13 -0.95
C GLY A 441 -23.78 -5.49 0.21
N ASN A 442 -22.48 -5.22 0.15
CA ASN A 442 -21.62 -5.64 1.24
C ASN A 442 -21.41 -4.51 2.23
N ASN A 443 -21.15 -4.89 3.48
CA ASN A 443 -20.79 -3.91 4.49
C ASN A 443 -19.42 -3.31 4.19
N ALA A 444 -19.31 -2.01 4.43
CA ALA A 444 -18.10 -1.24 4.21
C ALA A 444 -17.99 -0.22 5.33
N PHE A 445 -16.75 0.03 5.77
CA PHE A 445 -16.52 0.99 6.83
C PHE A 445 -15.43 1.96 6.42
N PHE A 446 -15.72 3.24 6.53
CA PHE A 446 -14.80 4.27 6.11
C PHE A 446 -14.34 5.07 7.31
N TYR A 447 -13.02 5.19 7.46
CA TYR A 447 -12.43 6.06 8.47
C TYR A 447 -11.71 7.23 7.82
N TYR A 448 -11.41 8.22 8.67
CA TYR A 448 -10.68 9.43 8.28
C TYR A 448 -9.69 9.70 9.40
N PHE A 449 -8.45 9.27 9.21
CA PHE A 449 -7.39 9.46 10.21
C PHE A 449 -6.93 10.92 10.22
N GLU A 450 -7.07 11.60 11.36
CA GLU A 450 -6.64 12.99 11.42
C GLU A 450 -5.78 13.28 12.64
N HIS A 451 -5.06 12.29 13.16
CA HIS A 451 -4.07 12.54 14.21
C HIS A 451 -2.65 12.66 13.62
N ARG A 452 -1.98 13.76 13.91
CA ARG A 452 -0.57 13.92 13.59
C ARG A 452 0.34 13.37 14.69
N SER A 453 1.26 12.48 14.33
CA SER A 453 2.04 11.76 15.33
C SER A 453 2.98 12.69 16.07
N SER A 454 2.99 12.60 17.42
CA SER A 454 3.85 13.50 18.21
C SER A 454 5.33 13.32 17.91
N LYS A 455 5.73 12.17 17.38
CA LYS A 455 7.09 11.93 16.95
C LYS A 455 7.32 12.23 15.45
N LEU A 456 6.33 12.78 14.76
CA LEU A 456 6.45 12.89 13.31
C LEU A 456 7.63 13.78 12.91
N PRO A 457 8.56 13.28 12.10
CA PRO A 457 9.77 14.07 11.75
C PRO A 457 9.57 15.15 10.68
N TRP A 458 8.54 15.09 9.84
CA TRP A 458 8.30 16.17 8.88
C TRP A 458 7.72 17.39 9.61
N PRO A 459 7.76 18.58 9.01
CA PRO A 459 7.24 19.76 9.71
C PRO A 459 5.72 19.73 9.86
N GLU A 460 5.24 20.69 10.65
CA GLU A 460 3.83 20.76 11.04
C GLU A 460 2.92 21.03 9.84
N TRP A 461 3.32 21.95 8.96
CA TRP A 461 2.44 22.30 7.84
C TRP A 461 2.11 21.09 7.01
N MET A 462 2.95 20.06 7.05
CA MET A 462 2.64 18.84 6.31
C MET A 462 1.50 18.04 6.93
N GLY A 463 1.11 18.32 8.17
CA GLY A 463 -0.08 17.72 8.74
C GLY A 463 -0.02 16.20 8.88
N VAL A 464 -1.20 15.58 8.78
CA VAL A 464 -1.41 14.14 8.97
C VAL A 464 -1.05 13.39 7.69
N MET A 465 0.22 13.01 7.58
CA MET A 465 0.81 12.75 6.28
C MET A 465 0.51 11.35 5.77
N HIS A 466 0.75 11.17 4.46
CA HIS A 466 0.65 9.87 3.82
C HIS A 466 1.58 8.87 4.50
N GLY A 467 1.02 7.79 5.03
CA GLY A 467 1.83 6.72 5.58
C GLY A 467 1.91 6.69 7.10
N TYR A 468 1.43 7.73 7.78
CA TYR A 468 1.74 7.91 9.19
C TYR A 468 0.57 7.55 10.09
N GLU A 469 -0.23 6.58 9.65
CA GLU A 469 -1.15 5.86 10.49
C GLU A 469 -0.71 4.42 10.67
N ILE A 470 0.12 3.91 9.76
CA ILE A 470 0.61 2.55 9.85
C ILE A 470 1.09 2.25 11.25
N GLU A 471 1.84 3.17 11.85
CA GLU A 471 2.43 2.88 13.15
C GLU A 471 1.34 2.77 14.22
N PHE A 472 0.24 3.48 14.05
CA PHE A 472 -0.87 3.32 14.99
C PHE A 472 -1.56 1.99 14.74
N VAL A 473 -1.70 1.60 13.48
CA VAL A 473 -2.36 0.34 13.17
C VAL A 473 -1.58 -0.83 13.75
N PHE A 474 -0.24 -0.72 13.77
CA PHE A 474 0.64 -1.83 14.10
C PHE A 474 0.99 -1.91 15.59
N GLY A 475 0.58 -0.92 16.38
CA GLY A 475 0.63 -1.04 17.83
C GLY A 475 1.88 -0.48 18.44
N LEU A 476 2.55 0.41 17.75
CA LEU A 476 3.84 0.93 18.17
C LEU A 476 3.66 1.90 19.33
N PRO A 477 2.62 2.74 19.34
CA PRO A 477 2.34 3.54 20.54
C PRO A 477 2.05 2.72 21.77
N LEU A 478 1.86 1.42 21.64
CA LEU A 478 1.67 0.59 22.82
C LEU A 478 2.97 0.40 23.59
N GLU A 479 4.12 0.57 22.93
CA GLU A 479 5.40 0.58 23.63
C GLU A 479 5.53 1.90 24.36
N ARG A 480 5.23 1.90 25.67
CA ARG A 480 5.36 3.13 26.45
C ARG A 480 6.79 3.64 26.44
N ARG A 481 7.75 2.77 26.14
CA ARG A 481 9.17 3.10 26.22
C ARG A 481 9.70 3.92 25.06
N ASP A 482 8.86 4.36 24.11
CA ASP A 482 9.40 5.04 22.93
C ASP A 482 8.71 6.39 22.64
N GLN A 483 8.29 7.10 23.69
CA GLN A 483 8.01 8.54 23.64
C GLN A 483 6.70 8.92 22.95
N TYR A 484 5.74 8.02 22.80
CA TYR A 484 4.42 8.44 22.32
C TYR A 484 3.62 8.96 23.50
N THR A 485 2.89 10.06 23.28
CA THR A 485 2.02 10.57 24.33
C THR A 485 0.98 9.51 24.71
N LYS A 486 0.40 9.67 25.90
CA LYS A 486 -0.56 8.69 26.40
C LYS A 486 -1.83 8.67 25.58
N ALA A 487 -2.27 9.83 25.12
CA ALA A 487 -3.39 9.86 24.20
C ALA A 487 -3.14 8.93 23.02
N GLU A 488 -1.94 9.02 22.43
CA GLU A 488 -1.56 8.17 21.30
C GLU A 488 -1.63 6.69 21.66
N GLU A 489 -1.13 6.30 22.83
CA GLU A 489 -1.27 4.91 23.27
C GLU A 489 -2.73 4.46 23.21
N ILE A 490 -3.65 5.24 23.79
CA ILE A 490 -5.04 4.82 23.80
C ILE A 490 -5.59 4.75 22.37
N LEU A 491 -5.24 5.74 21.53
CA LEU A 491 -5.71 5.76 20.14
C LEU A 491 -5.25 4.52 19.39
N SER A 492 -3.95 4.19 19.50
CA SER A 492 -3.44 2.99 18.86
C SER A 492 -4.13 1.74 19.39
N ARG A 493 -4.38 1.73 20.70
CA ARG A 493 -5.05 0.60 21.35
C ARG A 493 -6.44 0.39 20.81
N SER A 494 -7.16 1.48 20.56
N SER A 494 -7.17 1.48 20.57
CA SER A 494 -8.52 1.36 20.03
CA SER A 494 -8.53 1.35 20.03
C SER A 494 -8.49 0.94 18.58
C SER A 494 -8.50 0.94 18.57
N ILE A 495 -7.56 1.49 17.80
CA ILE A 495 -7.44 1.12 16.39
C ILE A 495 -7.09 -0.36 16.26
N VAL A 496 -6.09 -0.83 17.01
CA VAL A 496 -5.73 -2.24 16.99
C VAL A 496 -6.94 -3.11 17.31
N LYS A 497 -7.73 -2.72 18.31
CA LYS A 497 -8.93 -3.49 18.64
C LYS A 497 -9.90 -3.49 17.44
N ARG A 498 -10.21 -2.31 16.92
CA ARG A 498 -11.18 -2.23 15.83
C ARG A 498 -10.72 -3.04 14.62
N TRP A 499 -9.41 -2.97 14.29
CA TRP A 499 -8.88 -3.72 13.16
C TRP A 499 -8.98 -5.23 13.38
N ALA A 500 -8.71 -5.68 14.60
CA ALA A 500 -8.75 -7.11 14.88
C ALA A 500 -10.19 -7.59 14.90
N ASN A 501 -11.09 -6.74 15.39
CA ASN A 501 -12.48 -7.14 15.39
C ASN A 501 -13.03 -7.18 13.98
N PHE A 502 -12.56 -6.30 13.12
CA PHE A 502 -12.90 -6.44 11.72
C PHE A 502 -12.33 -7.73 11.16
N ALA A 503 -11.07 -8.04 11.47
CA ALA A 503 -10.51 -9.27 10.93
C ALA A 503 -11.28 -10.49 11.44
N LYS A 504 -11.52 -10.56 12.75
CA LYS A 504 -12.17 -11.74 13.32
C LYS A 504 -13.65 -11.82 12.94
N TYR A 505 -14.36 -10.70 13.03
CA TYR A 505 -15.82 -10.76 13.05
C TYR A 505 -16.49 -9.93 11.96
N GLY A 506 -15.71 -9.38 11.03
CA GLY A 506 -16.26 -8.48 10.05
C GLY A 506 -16.86 -7.21 10.56
N ASN A 507 -16.58 -6.82 11.80
CA ASN A 507 -17.25 -5.66 12.41
C ASN A 507 -16.29 -4.85 13.27
N PRO A 508 -15.82 -3.67 12.77
CA PRO A 508 -14.76 -2.88 13.42
C PRO A 508 -15.20 -2.07 14.63
N GLN A 509 -15.91 -2.70 15.56
CA GLN A 509 -16.29 -1.98 16.77
C GLN A 509 -15.28 -2.23 17.87
N GLU A 510 -15.18 -1.27 18.81
CA GLU A 510 -14.53 -1.46 20.12
C GLU A 510 -15.69 -1.49 21.11
N THR A 511 -16.08 -2.70 21.51
CA THR A 511 -17.37 -2.84 22.18
C THR A 511 -17.32 -2.55 23.68
N GLN A 512 -16.14 -2.50 24.29
CA GLN A 512 -16.06 -2.57 25.74
C GLN A 512 -15.94 -1.23 26.45
N ASN A 513 -15.21 -0.27 25.89
CA ASN A 513 -14.91 0.96 26.62
C ASN A 513 -15.85 2.09 26.21
N GLN A 514 -17.13 1.78 26.01
CA GLN A 514 -18.18 2.75 25.65
C GLN A 514 -17.70 3.72 24.56
N SER A 515 -17.43 3.15 23.39
CA SER A 515 -16.88 3.88 22.25
C SER A 515 -17.97 4.14 21.22
N THR A 516 -17.81 5.24 20.48
CA THR A 516 -18.78 5.60 19.45
C THR A 516 -18.84 4.47 18.42
N SER A 517 -20.06 4.00 18.12
CA SER A 517 -20.16 2.91 17.16
C SER A 517 -19.73 3.38 15.79
N TRP A 518 -19.15 2.47 15.03
CA TRP A 518 -18.74 2.80 13.69
C TRP A 518 -19.83 2.33 12.74
N PRO A 519 -20.55 3.25 12.08
CA PRO A 519 -21.64 2.83 11.19
C PRO A 519 -21.10 2.31 9.88
N VAL A 520 -21.92 1.49 9.21
CA VAL A 520 -21.53 1.06 7.87
C VAL A 520 -21.69 2.21 6.88
N PHE A 521 -20.87 2.15 5.83
CA PHE A 521 -20.92 3.14 4.76
C PHE A 521 -21.89 2.65 3.69
N LYS A 522 -22.91 3.45 3.40
CA LYS A 522 -23.83 3.17 2.31
C LYS A 522 -23.78 4.31 1.30
N SER A 523 -24.09 4.01 0.03
CA SER A 523 -23.97 5.03 -1.02
C SER A 523 -24.93 6.18 -0.79
N THR A 524 -25.94 5.96 0.03
CA THR A 524 -26.92 6.97 0.42
C THR A 524 -26.28 7.91 1.44
N GLU A 525 -26.12 7.38 2.68
CA GLU A 525 -25.68 8.13 3.84
C GLU A 525 -24.24 8.60 3.71
N GLN A 526 -23.35 7.68 3.35
CA GLN A 526 -21.92 7.95 3.27
C GLN A 526 -21.40 8.45 4.62
N LYS A 527 -21.73 7.70 5.68
CA LYS A 527 -21.20 7.99 7.01
C LYS A 527 -19.79 7.45 7.13
N TYR A 528 -18.95 8.18 7.84
CA TYR A 528 -17.59 7.73 8.07
C TYR A 528 -17.17 8.04 9.51
N LEU A 529 -16.08 7.41 9.95
CA LEU A 529 -15.60 7.52 11.32
C LEU A 529 -14.28 8.28 11.37
N THR A 530 -14.21 9.35 12.15
CA THR A 530 -12.95 10.07 12.33
C THR A 530 -12.15 9.46 13.47
N LEU A 531 -10.83 9.41 13.30
CA LEU A 531 -9.94 8.75 14.24
C LEU A 531 -8.94 9.78 14.74
N ASN A 532 -8.98 10.07 16.04
CA ASN A 532 -8.14 11.11 16.61
C ASN A 532 -8.16 10.93 18.12
N THR A 533 -7.35 11.75 18.81
CA THR A 533 -7.23 11.59 20.25
C THR A 533 -8.30 12.34 21.02
N GLU A 534 -8.76 13.48 20.51
CA GLU A 534 -9.83 14.21 21.18
C GLU A 534 -11.14 13.43 21.15
N SER A 535 -11.73 13.31 19.96
CA SER A 535 -13.13 12.99 19.78
C SER A 535 -13.28 12.04 18.60
N THR A 536 -13.94 10.92 18.78
CA THR A 536 -14.31 10.11 17.63
C THR A 536 -15.74 10.47 17.23
N ARG A 537 -15.87 11.15 16.10
CA ARG A 537 -17.13 11.65 15.58
C ARG A 537 -17.59 10.78 14.41
N ILE A 538 -18.90 10.74 14.20
CA ILE A 538 -19.46 10.23 12.95
C ILE A 538 -19.88 11.41 12.10
N MET A 539 -19.33 11.48 10.89
N MET A 539 -19.33 11.48 10.90
CA MET A 539 -19.64 12.53 9.95
CA MET A 539 -19.59 12.53 9.93
C MET A 539 -20.08 11.93 8.62
C MET A 539 -20.12 11.92 8.64
N THR A 540 -20.49 12.78 7.71
CA THR A 540 -21.10 12.33 6.46
C THR A 540 -20.46 13.04 5.27
N LYS A 541 -20.26 12.28 4.20
CA LYS A 541 -19.93 12.80 2.87
C LYS A 541 -18.61 13.58 2.88
N LEU A 542 -17.53 12.83 3.14
CA LEU A 542 -16.19 13.41 3.13
C LEU A 542 -15.85 14.04 1.78
N ARG A 543 -15.35 15.28 1.83
CA ARG A 543 -14.86 16.02 0.66
C ARG A 543 -15.86 16.00 -0.51
N ALA A 544 -17.15 16.14 -0.19
CA ALA A 544 -18.21 16.04 -1.19
C ALA A 544 -17.97 16.94 -2.39
N GLN A 545 -17.75 18.23 -2.17
CA GLN A 545 -17.63 19.14 -3.31
C GLN A 545 -16.33 18.89 -4.06
N GLN A 546 -15.25 18.60 -3.34
CA GLN A 546 -13.97 18.30 -3.99
C GLN A 546 -14.05 17.04 -4.83
N CYS A 547 -14.82 16.05 -4.40
CA CYS A 547 -14.77 14.75 -5.06
C CYS A 547 -15.67 14.71 -6.31
N ARG A 548 -16.72 15.54 -6.35
CA ARG A 548 -17.52 15.69 -7.57
C ARG A 548 -16.67 16.26 -8.70
N PHE A 549 -15.86 17.27 -8.38
CA PHE A 549 -14.86 17.74 -9.33
C PHE A 549 -13.99 16.59 -9.84
N TRP A 550 -13.32 15.87 -8.94
CA TRP A 550 -12.33 14.91 -9.41
C TRP A 550 -12.95 13.74 -10.16
N THR A 551 -14.04 13.18 -9.68
CA THR A 551 -14.44 11.89 -10.22
C THR A 551 -15.54 11.97 -11.27
N SER A 552 -16.17 13.13 -11.44
CA SER A 552 -17.11 13.33 -12.53
C SER A 552 -16.60 14.33 -13.56
N PHE A 553 -16.34 15.57 -13.16
CA PHE A 553 -15.85 16.56 -14.12
C PHE A 553 -14.47 16.18 -14.64
N PHE A 554 -13.47 16.14 -13.76
CA PHE A 554 -12.08 16.09 -14.18
C PHE A 554 -11.67 14.89 -15.07
N PRO A 555 -12.24 13.69 -14.96
CA PRO A 555 -11.79 12.61 -15.85
C PRO A 555 -11.99 12.93 -17.32
N LYS A 556 -12.65 14.05 -17.64
CA LYS A 556 -13.05 14.30 -19.01
C LYS A 556 -12.07 15.15 -19.80
N VAL A 557 -11.19 15.91 -19.16
CA VAL A 557 -10.32 16.83 -19.90
C VAL A 557 -9.04 16.14 -20.38
C1 NAG B . 20.32 -23.34 12.39
C2 NAG B . 21.83 -23.60 12.10
C3 NAG B . 22.45 -24.56 13.12
C4 NAG B . 22.12 -24.15 14.56
C5 NAG B . 20.61 -24.05 14.69
C6 NAG B . 20.16 -23.67 16.08
C7 NAG B . 21.93 -23.38 9.65
C8 NAG B . 22.13 -24.09 8.35
N2 NAG B . 22.00 -24.13 10.75
O3 NAG B . 23.86 -24.63 12.97
O4 NAG B . 22.66 -25.09 15.47
O5 NAG B . 20.15 -23.03 13.80
O6 NAG B . 20.79 -22.48 16.53
O7 NAG B . 21.70 -22.17 9.69
C1 FUC B . 20.98 -22.56 17.95
C2 FUC B . 22.48 -22.34 18.23
C3 FUC B . 22.88 -21.00 17.59
C4 FUC B . 21.99 -19.85 18.18
C5 FUC B . 20.48 -20.22 18.06
C6 FUC B . 19.55 -19.26 18.81
O2 FUC B . 23.32 -23.43 17.81
O3 FUC B . 24.27 -20.71 17.79
O4 FUC B . 22.32 -19.62 19.55
O5 FUC B . 20.21 -21.57 18.57
C1 NAG C . 11.29 27.89 1.62
C2 NAG C . 11.32 29.34 1.09
C3 NAG C . 11.38 29.38 -0.43
C4 NAG C . 12.52 28.49 -0.92
C5 NAG C . 12.33 27.10 -0.37
C6 NAG C . 13.38 26.15 -0.87
C7 NAG C . 10.00 30.54 2.81
C8 NAG C . 8.74 31.31 3.08
N2 NAG C . 10.17 30.11 1.54
O3 NAG C . 11.61 30.72 -0.85
O4 NAG C . 12.50 28.34 -2.33
O5 NAG C . 12.40 27.16 1.05
O6 NAG C . 14.38 25.96 0.12
O7 NAG C . 10.81 30.30 3.69
C1 NAG C . 13.50 29.17 -2.84
C2 NAG C . 13.60 28.72 -4.28
C3 NAG C . 14.65 29.56 -5.02
C4 NAG C . 14.90 30.92 -4.35
C5 NAG C . 13.69 31.45 -3.59
C6 NAG C . 12.60 32.03 -4.47
C7 NAG C . 14.00 26.43 -5.32
C8 NAG C . 13.82 26.99 -6.70
N2 NAG C . 13.92 27.29 -4.28
O3 NAG C . 14.18 29.80 -6.34
O4 NAG C . 16.04 30.87 -3.49
O5 NAG C . 13.05 30.46 -2.78
O6 NAG C . 11.31 31.73 -3.93
O7 NAG C . 14.24 25.24 -5.14
C1 FUC C . 15.61 26.60 -0.22
C2 FUC C . 16.30 26.42 1.14
C3 FUC C . 17.81 26.65 1.17
C4 FUC C . 18.37 27.08 -0.21
C5 FUC C . 17.80 26.13 -1.33
C6 FUC C . 18.24 26.51 -2.75
O2 FUC C . 15.97 25.17 1.69
O3 FUC C . 18.09 27.65 2.11
O4 FUC C . 18.08 28.45 -0.47
O5 FUC C . 16.31 26.02 -1.34
C1 NAG D . 6.16 7.33 -25.66
C2 NAG D . 5.84 8.87 -25.52
C3 NAG D . 6.86 9.77 -26.26
C4 NAG D . 8.26 9.18 -26.37
C5 NAG D . 8.18 7.70 -26.65
C6 NAG D . 9.51 7.00 -26.78
C7 NAG D . 3.71 10.18 -25.72
C8 NAG D . 4.19 11.10 -24.63
N2 NAG D . 4.50 9.15 -26.05
O3 NAG D . 6.95 11.02 -25.59
O4 NAG D . 8.91 9.79 -27.48
O5 NAG D . 7.51 7.12 -25.55
O6 NAG D . 9.32 5.66 -27.23
O7 NAG D . 2.61 10.36 -26.25
C1 NAG D . 9.66 10.95 -27.09
C2 NAG D . 10.21 11.40 -28.41
C3 NAG D . 10.87 12.77 -28.30
C4 NAG D . 10.93 13.30 -26.86
C5 NAG D . 9.66 13.05 -26.03
C6 NAG D . 8.74 14.24 -25.97
C7 NAG D . 10.91 9.78 -30.09
C8 NAG D . 11.93 8.75 -30.48
N2 NAG D . 11.13 10.41 -28.93
O3 NAG D . 10.18 13.69 -29.14
O4 NAG D . 12.08 12.79 -26.19
O5 NAG D . 8.89 11.96 -26.54
O6 NAG D . 7.45 13.85 -25.49
O7 NAG D . 9.95 10.06 -30.80
C1 NAG E . -11.44 -23.40 12.74
C2 NAG E . -11.72 -24.92 12.86
C3 NAG E . -12.42 -25.43 11.59
C4 NAG E . -13.66 -24.59 11.29
C5 NAG E . -13.27 -23.11 11.19
C6 NAG E . -14.42 -22.17 10.90
C7 NAG E . -9.92 -25.91 14.26
C8 NAG E . -10.68 -25.44 15.48
N2 NAG E . -10.48 -25.66 13.07
O3 NAG E . -12.76 -26.81 11.69
O4 NAG E . -14.27 -25.07 10.08
O5 NAG E . -12.69 -22.70 12.43
O6 NAG E . -14.01 -20.81 10.79
O7 NAG E . -8.86 -26.53 14.36
C1 NAG F . 11.69 -15.22 -32.51
C2 NAG F . 11.65 -16.18 -31.31
C3 NAG F . 10.93 -17.49 -31.73
C4 NAG F . 9.61 -17.20 -32.43
C5 NAG F . 9.75 -16.13 -33.51
C6 NAG F . 8.43 -15.67 -34.08
C7 NAG F . 13.25 -17.27 -29.77
C8 NAG F . 14.71 -17.42 -29.41
N2 NAG F . 12.98 -16.46 -30.81
O3 NAG F . 10.70 -18.34 -30.61
O4 NAG F . 9.14 -18.39 -33.06
O5 NAG F . 10.39 -14.97 -32.97
O6 NAG F . 8.53 -14.33 -34.56
O7 NAG F . 12.37 -17.86 -29.15
C1 NAG G . -10.14 -0.05 27.88
C2 NAG G . -8.90 -0.36 27.02
C3 NAG G . -7.71 -0.82 27.90
C4 NAG G . -7.44 0.21 28.99
C5 NAG G . -8.68 0.36 29.84
C6 NAG G . -8.51 1.38 30.96
C7 NAG G . -9.26 -1.09 24.69
C8 NAG G . -9.54 -2.27 23.80
N2 NAG G . -9.18 -1.36 26.00
O3 NAG G . -6.56 -1.03 27.10
O4 NAG G . -6.34 -0.20 29.81
O5 NAG G . -9.76 0.82 29.02
O6 NAG G . -9.67 1.49 31.77
O7 NAG G . -9.14 0.05 24.23
C01 HUT H . 10.04 9.40 -11.80
C02 HUT H . 9.81 9.42 -10.29
C03 HUT H . 9.05 8.16 -9.76
C04 HUT H . 8.29 8.45 -8.44
C06 HUT H . 7.31 7.40 -6.46
C07 HUT H . 6.97 6.08 -5.78
C08 HUT H . 5.87 6.21 -4.84
C09 HUT H . 5.99 6.12 -3.46
C11 HUT H . 3.81 6.55 -3.94
C12 HUT H . 4.53 6.47 -5.16
C13 HUT H . 3.80 6.67 -6.35
C14 HUT H . 2.43 6.91 -6.29
C15 HUT H . 1.73 6.95 -5.09
C16 HUT H . 2.41 6.78 -3.88
C17 HUT H . 8.27 8.19 -5.51
C19 HUT H . 8.64 10.24 -4.20
C20 HUT H . 7.92 10.59 -2.87
C21 HUT H . 7.85 9.37 -1.95
C22 HUT H . 7.08 9.64 -0.66
C23 HUT H . 7.85 10.55 0.37
C24 HUT H . 8.30 9.96 1.71
C25 HUT H . 7.17 9.76 2.72
C26 HUT H . 5.80 9.81 2.06
C27 HUT H . 5.50 8.60 1.15
C28 HUT H . 6.49 8.38 0.00
N05 HUT H . 7.99 7.23 -7.74
N10 HUT H . 4.73 6.33 -2.88
N18 HUT H . 7.81 9.42 -5.06
O29 HUT H . 9.38 7.77 -5.17
S DMS I . 5.30 4.71 1.42
O DMS I . 4.55 5.01 0.14
C1 DMS I . 4.53 5.56 2.80
C2 DMS I . 5.10 2.96 1.90
S SO4 J . -22.38 -8.31 4.75
O1 SO4 J . -22.20 -9.76 4.85
O2 SO4 J . -21.31 -7.71 3.92
O3 SO4 J . -22.32 -7.77 6.10
O4 SO4 J . -23.69 -8.05 4.15
S SO4 K . 2.50 7.70 -13.89
O1 SO4 K . 1.76 6.76 -14.74
O2 SO4 K . 3.93 7.37 -13.82
O3 SO4 K . 2.45 9.04 -14.49
O4 SO4 K . 1.89 7.69 -12.55
S SO4 L . -14.23 7.36 21.81
O1 SO4 L . -12.96 7.10 21.13
O2 SO4 L . -14.16 6.83 23.18
O3 SO4 L . -15.30 6.66 21.09
O4 SO4 L . -14.51 8.80 21.83
S SO4 M . -3.47 34.61 -14.09
O1 SO4 M . -2.29 34.19 -14.86
O2 SO4 M . -3.41 34.16 -12.69
O3 SO4 M . -3.57 36.06 -14.09
O4 SO4 M . -4.66 34.01 -14.70
#